data_6W85
#
_entry.id   6W85
#
_cell.length_a   70.177
_cell.length_b   120.65
_cell.length_c   129.795
_cell.angle_alpha   90
_cell.angle_beta   90
_cell.angle_gamma   90
#
_symmetry.space_group_name_H-M   'P 21 21 21'
#
loop_
_entity.id
_entity.type
_entity.pdbx_description
1 polymer 'Potassium channel subfamily K member 2'
2 non-polymer 'POTASSIUM ION'
3 non-polymer N-[(2,4-dichlorophenyl)methyl]-4-[(methylsulfonyl)amino]benzamide
4 non-polymer 'CADMIUM ION'
5 non-polymer DECANE
6 non-polymer N-OCTANE
7 non-polymer HEXADECANE
#
_entity_poly.entity_id   1
_entity_poly.type   'polypeptide(L)'
_entity_poly.pdbx_seq_one_letter_code
;MSFSSKPTVLASRVESDSAINVMKWKTVSTIFLVVVLYLIIGATVFKALEQPQEISQRTTIVIQREKFLRAHPCVSDQEL
DELIQQIVAAINAGIIPLGASSNQVSHWDLGSSFFFAGTVITTIGFGNISPRTEGGKIFCIIYALLGIPLFGFLLAGVGD
QLGTIFGKGIAKVEDTFIKWNVSQTKIRIISTIIFILFGCVLFVALPAVIFKHIEGWSALDAIYFVVITLTTIGFGDYVA
GGSDIEYLDFYKPVVWFWILVGLAYFAAVLSMIGDWLRVIAKKTKEAVGEFRAHAAEWTANVTSNSLEVLFQ
;
_entity_poly.pdbx_strand_id   A,B
#
loop_
_chem_comp.id
_chem_comp.type
_chem_comp.name
_chem_comp.formula
CD non-polymer 'CADMIUM ION' 'Cd 2'
D10 non-polymer DECANE 'C10 H22'
K non-polymer 'POTASSIUM ION' 'K 1'
OCT non-polymer N-OCTANE 'C8 H18'
Q6F non-polymer N-[(2,4-dichlorophenyl)methyl]-4-[(methylsulfonyl)amino]benzamide 'C15 H14 Cl2 N2 O3 S'
R16 non-polymer HEXADECANE 'C16 H34'
#
# COMPACT_ATOMS: atom_id res chain seq x y z
N SER A 16 34.68 -14.15 18.09
CA SER A 16 33.27 -14.09 18.54
C SER A 16 32.31 -13.73 17.39
N ASP A 17 31.74 -14.77 16.76
CA ASP A 17 30.70 -14.66 15.72
C ASP A 17 29.37 -14.06 16.26
N SER A 18 29.10 -14.32 17.55
CA SER A 18 27.92 -13.81 18.25
C SER A 18 28.11 -12.44 18.95
N ALA A 19 29.33 -11.89 19.03
CA ALA A 19 29.57 -10.53 19.55
C ALA A 19 29.06 -9.44 18.62
N ILE A 20 29.26 -9.62 17.31
CA ILE A 20 28.71 -8.69 16.29
C ILE A 20 27.17 -8.80 16.22
N ASN A 21 26.65 -10.04 16.35
CA ASN A 21 25.19 -10.30 16.29
C ASN A 21 24.41 -9.72 17.46
N VAL A 22 25.06 -9.62 18.63
CA VAL A 22 24.48 -8.89 19.77
C VAL A 22 24.45 -7.39 19.48
N MET A 23 25.48 -6.85 18.83
CA MET A 23 25.48 -5.44 18.37
C MET A 23 24.43 -5.15 17.29
N LYS A 24 24.03 -6.19 16.54
CA LYS A 24 22.92 -6.08 15.58
C LYS A 24 21.55 -5.97 16.30
N TRP A 25 21.26 -6.93 17.18
CA TRP A 25 19.96 -7.00 17.88
C TRP A 25 19.72 -5.78 18.75
N LYS A 26 20.78 -5.24 19.36
CA LYS A 26 20.72 -3.97 20.11
C LYS A 26 20.33 -2.81 19.21
N THR A 27 20.71 -2.87 17.93
CA THR A 27 20.26 -1.90 16.94
C THR A 27 18.78 -2.13 16.57
N VAL A 28 18.46 -3.36 16.16
CA VAL A 28 17.09 -3.66 15.68
C VAL A 28 16.05 -3.42 16.76
N SER A 29 16.33 -3.90 17.97
CA SER A 29 15.43 -3.73 19.11
C SER A 29 15.19 -2.27 19.46
N THR A 30 16.24 -1.47 19.46
CA THR A 30 16.10 -0.04 19.75
C THR A 30 15.20 0.63 18.72
N ILE A 31 15.41 0.32 17.44
CA ILE A 31 14.54 0.85 16.38
C ILE A 31 13.12 0.37 16.60
N PHE A 32 12.96 -0.93 16.78
CA PHE A 32 11.64 -1.56 17.01
C PHE A 32 10.83 -0.75 18.02
N LEU A 33 11.47 -0.37 19.13
CA LEU A 33 10.79 0.38 20.20
C LEU A 33 10.48 1.81 19.80
N VAL A 34 11.31 2.37 18.90
CA VAL A 34 11.04 3.69 18.30
C VAL A 34 9.78 3.63 17.46
N VAL A 35 9.65 2.56 16.67
CA VAL A 35 8.49 2.37 15.81
C VAL A 35 7.27 2.14 16.68
N VAL A 36 7.39 1.27 17.68
CA VAL A 36 6.28 0.95 18.60
C VAL A 36 5.76 2.22 19.28
N LEU A 37 6.70 3.03 19.78
CA LEU A 37 6.39 4.34 20.36
C LEU A 37 5.75 5.28 19.34
N TYR A 38 6.31 5.30 18.13
CA TYR A 38 5.77 6.11 17.04
C TYR A 38 4.34 5.70 16.67
N LEU A 39 4.06 4.41 16.74
CA LEU A 39 2.70 3.90 16.53
C LEU A 39 1.75 4.36 17.63
N ILE A 40 2.25 4.41 18.86
CA ILE A 40 1.47 4.90 20.00
C ILE A 40 1.19 6.40 19.86
N ILE A 41 2.21 7.17 19.45
CA ILE A 41 2.07 8.62 19.21
C ILE A 41 1.02 8.90 18.13
N GLY A 42 1.20 8.25 16.98
CA GLY A 42 0.25 8.37 15.87
C GLY A 42 -1.14 7.97 16.26
N ALA A 43 -1.25 6.81 16.91
CA ALA A 43 -2.53 6.29 17.38
C ALA A 43 -3.30 7.35 18.14
N THR A 44 -2.66 7.84 19.20
CA THR A 44 -3.25 8.79 20.12
C THR A 44 -3.66 10.10 19.44
N VAL A 45 -2.85 10.54 18.48
CA VAL A 45 -3.14 11.75 17.70
C VAL A 45 -4.35 11.51 16.77
N PHE A 46 -4.45 10.33 16.18
CA PHE A 46 -5.56 10.00 15.27
C PHE A 46 -6.89 9.87 16.03
N LYS A 47 -6.93 9.04 17.07
CA LYS A 47 -8.12 8.95 17.95
C LYS A 47 -8.47 10.30 18.57
N ALA A 48 -7.47 11.16 18.76
CA ALA A 48 -7.73 12.55 19.14
C ALA A 48 -8.39 13.31 17.98
N LEU A 49 -7.81 13.20 16.80
CA LEU A 49 -8.32 13.90 15.61
C LEU A 49 -9.69 13.38 15.16
N GLU A 50 -9.92 12.07 15.29
CA GLU A 50 -11.04 11.36 14.63
C GLU A 50 -12.17 10.83 15.53
N GLN A 51 -11.95 10.68 16.84
CA GLN A 51 -13.05 10.32 17.77
C GLN A 51 -14.20 11.35 17.71
N PRO A 52 -13.88 12.68 17.68
CA PRO A 52 -14.92 13.71 17.57
C PRO A 52 -15.82 13.59 16.34
N GLN A 53 -15.23 13.58 15.15
CA GLN A 53 -15.99 13.53 13.90
C GLN A 53 -16.73 12.21 13.71
N GLU A 54 -16.26 11.16 14.38
CA GLU A 54 -16.95 9.88 14.38
C GLU A 54 -18.31 10.00 15.08
N ILE A 55 -18.28 10.35 16.36
CA ILE A 55 -19.50 10.39 17.17
C ILE A 55 -20.46 11.48 16.69
N SER A 56 -19.92 12.58 16.16
CA SER A 56 -20.74 13.68 15.61
C SER A 56 -21.42 13.34 14.28
N GLN A 57 -20.83 12.43 13.50
CA GLN A 57 -21.50 11.85 12.33
C GLN A 57 -22.40 10.67 12.72
N ARG A 58 -22.00 9.91 13.76
CA ARG A 58 -22.82 8.81 14.32
C ARG A 58 -24.12 9.31 14.94
N THR A 59 -24.04 10.38 15.71
CA THR A 59 -25.23 10.99 16.31
C THR A 59 -26.11 11.66 15.24
N THR A 60 -25.52 12.32 14.23
CA THR A 60 -26.29 12.94 13.13
C THR A 60 -26.72 11.97 11.99
N ILE A 61 -26.43 10.67 12.12
CA ILE A 61 -27.00 9.64 11.21
C ILE A 61 -28.28 8.98 11.77
N VAL A 62 -28.41 8.90 13.10
CA VAL A 62 -29.68 8.45 13.73
C VAL A 62 -30.74 9.58 13.74
N ILE A 63 -30.33 10.83 13.47
CA ILE A 63 -31.28 11.93 13.11
C ILE A 63 -31.90 11.62 11.74
N GLN A 64 -31.07 11.28 10.76
CA GLN A 64 -31.53 10.90 9.43
C GLN A 64 -32.30 9.56 9.38
N ARG A 65 -32.05 8.68 10.34
CA ARG A 65 -32.84 7.43 10.49
C ARG A 65 -34.24 7.73 11.01
N GLU A 66 -34.30 8.31 12.22
CA GLU A 66 -35.57 8.61 12.91
C GLU A 66 -36.36 9.77 12.28
N LYS A 67 -35.72 10.56 11.42
CA LYS A 67 -36.45 11.51 10.56
C LYS A 67 -37.21 10.75 9.46
N PHE A 68 -36.63 9.68 8.93
CA PHE A 68 -37.22 8.89 7.85
C PHE A 68 -38.26 7.85 8.32
N LEU A 69 -38.50 7.75 9.64
CA LEU A 69 -39.75 7.19 10.16
C LEU A 69 -40.86 8.26 10.18
N ARG A 70 -40.52 9.47 10.63
CA ARG A 70 -41.49 10.55 10.87
C ARG A 70 -41.86 11.35 9.60
N ALA A 71 -40.89 11.51 8.72
CA ALA A 71 -41.09 12.27 7.45
C ALA A 71 -41.69 11.38 6.36
N HIS A 72 -41.49 10.07 6.47
CA HIS A 72 -42.13 9.08 5.59
C HIS A 72 -42.58 7.86 6.45
N PRO A 73 -43.67 7.99 7.26
CA PRO A 73 -44.23 6.85 8.01
C PRO A 73 -44.77 5.70 7.15
N CYS A 74 -45.03 5.98 5.87
CA CYS A 74 -45.19 4.98 4.79
C CYS A 74 -44.32 3.72 4.88
N VAL A 75 -43.05 3.94 5.22
CA VAL A 75 -42.11 2.86 5.51
C VAL A 75 -42.31 2.46 6.97
N SER A 76 -42.42 1.15 7.21
CA SER A 76 -42.46 0.61 8.56
C SER A 76 -41.04 0.60 9.10
N ASP A 77 -40.90 0.57 10.43
CA ASP A 77 -39.62 0.35 11.16
C ASP A 77 -38.96 -1.02 10.79
N GLN A 78 -39.79 -1.97 10.36
CA GLN A 78 -39.36 -3.33 10.04
C GLN A 78 -38.70 -3.43 8.66
N GLU A 79 -39.26 -2.72 7.66
CA GLU A 79 -38.72 -2.78 6.27
C GLU A 79 -37.38 -1.99 6.15
N LEU A 80 -37.15 -1.08 7.10
CA LEU A 80 -35.92 -0.25 7.11
C LEU A 80 -34.68 -1.10 7.34
N ASP A 81 -34.77 -2.08 8.24
CA ASP A 81 -33.66 -3.00 8.51
C ASP A 81 -33.45 -3.98 7.34
N GLU A 82 -34.53 -4.33 6.62
CA GLU A 82 -34.41 -5.06 5.35
C GLU A 82 -33.64 -4.25 4.30
N LEU A 83 -34.04 -2.97 4.18
CA LEU A 83 -33.42 -2.03 3.22
C LEU A 83 -31.92 -1.88 3.46
N ILE A 84 -31.54 -1.72 4.73
CA ILE A 84 -30.13 -1.53 5.09
C ILE A 84 -29.32 -2.79 4.77
N GLN A 85 -29.91 -3.97 5.00
CA GLN A 85 -29.28 -5.24 4.62
C GLN A 85 -29.18 -5.41 3.08
N GLN A 86 -30.15 -4.88 2.34
CA GLN A 86 -30.08 -4.83 0.86
C GLN A 86 -28.96 -3.89 0.34
N ILE A 87 -28.69 -2.81 1.07
CA ILE A 87 -27.59 -1.87 0.75
C ILE A 87 -26.24 -2.47 1.13
N VAL A 88 -26.18 -3.07 2.32
CA VAL A 88 -24.94 -3.70 2.79
C VAL A 88 -24.51 -4.83 1.85
N ALA A 89 -25.46 -5.66 1.41
CA ALA A 89 -25.20 -6.74 0.46
C ALA A 89 -24.67 -6.26 -0.90
N ALA A 90 -25.14 -5.10 -1.33
CA ALA A 90 -24.69 -4.48 -2.59
C ALA A 90 -23.36 -3.74 -2.44
N ILE A 91 -23.06 -3.31 -1.20
CA ILE A 91 -21.75 -2.75 -0.90
C ILE A 91 -20.63 -3.74 -1.27
N ASN A 92 -20.85 -5.03 -1.01
CA ASN A 92 -19.88 -6.10 -1.32
C ASN A 92 -19.60 -6.33 -2.83
N ALA A 93 -20.48 -5.83 -3.70
CA ALA A 93 -20.20 -5.75 -5.15
C ALA A 93 -19.50 -4.44 -5.55
N GLY A 94 -19.84 -3.34 -4.87
CA GLY A 94 -19.28 -2.01 -5.16
C GLY A 94 -20.39 -1.06 -5.53
N SER A 106 -19.81 0.61 -15.46
CA SER A 106 -19.18 -0.62 -14.99
C SER A 106 -17.92 -0.37 -14.15
N HIS A 107 -17.76 -1.19 -13.12
CA HIS A 107 -16.52 -1.30 -12.31
C HIS A 107 -15.40 -2.10 -13.05
N TRP A 108 -15.76 -2.99 -13.98
CA TRP A 108 -14.78 -3.87 -14.66
C TRP A 108 -14.89 -3.74 -16.17
N ASP A 109 -14.99 -2.50 -16.65
CA ASP A 109 -15.03 -2.25 -18.08
C ASP A 109 -13.64 -2.47 -18.70
N LEU A 110 -13.53 -2.22 -20.01
CA LEU A 110 -12.26 -2.13 -20.73
C LEU A 110 -11.15 -1.40 -19.93
N GLY A 111 -11.50 -0.25 -19.34
CA GLY A 111 -10.56 0.64 -18.68
C GLY A 111 -10.35 0.41 -17.19
N SER A 112 -11.42 0.12 -16.46
CA SER A 112 -11.35 -0.02 -15.00
C SER A 112 -10.64 -1.30 -14.53
N SER A 113 -10.65 -2.33 -15.36
CA SER A 113 -9.83 -3.52 -15.11
C SER A 113 -8.34 -3.22 -15.36
N PHE A 114 -8.03 -2.44 -16.41
CA PHE A 114 -6.66 -1.99 -16.71
C PHE A 114 -6.08 -1.11 -15.62
N PHE A 115 -6.93 -0.22 -15.10
CA PHE A 115 -6.67 0.49 -13.84
C PHE A 115 -6.31 -0.51 -12.76
N PHE A 116 -7.19 -1.49 -12.55
CA PHE A 116 -7.01 -2.48 -11.48
C PHE A 116 -5.70 -3.27 -11.53
N ALA A 117 -5.24 -3.60 -12.73
CA ALA A 117 -3.91 -4.18 -12.91
C ALA A 117 -2.84 -3.20 -12.38
N GLY A 118 -3.02 -1.93 -12.72
CA GLY A 118 -2.20 -0.86 -12.19
C GLY A 118 -2.14 -0.80 -10.68
N THR A 119 -3.31 -0.83 -10.04
CA THR A 119 -3.35 -0.81 -8.57
C THR A 119 -2.55 -1.99 -7.98
N VAL A 120 -2.54 -3.14 -8.68
CA VAL A 120 -1.88 -4.35 -8.20
C VAL A 120 -0.36 -4.33 -8.36
N ILE A 121 0.16 -4.03 -9.54
CA ILE A 121 1.63 -4.10 -9.78
C ILE A 121 2.44 -2.95 -9.14
N THR A 122 1.78 -1.82 -8.95
CA THR A 122 2.34 -0.68 -8.21
C THR A 122 2.25 -0.88 -6.69
N THR A 123 1.33 -1.74 -6.27
CA THR A 123 0.94 -1.95 -4.88
C THR A 123 0.38 -0.68 -4.23
N ILE A 124 -0.30 0.15 -5.03
CA ILE A 124 -1.12 1.22 -4.49
C ILE A 124 -2.35 0.53 -3.92
N GLY A 125 -3.03 -0.25 -4.76
CA GLY A 125 -4.13 -1.09 -4.34
C GLY A 125 -5.30 -0.31 -3.76
N PHE A 126 -5.81 0.67 -4.52
CA PHE A 126 -6.87 1.55 -4.03
C PHE A 126 -8.03 0.75 -3.47
N GLY A 127 -8.41 -0.33 -4.14
CA GLY A 127 -9.39 -1.26 -3.61
C GLY A 127 -10.84 -0.79 -3.73
N ASN A 128 -11.07 0.33 -4.42
CA ASN A 128 -12.39 0.65 -4.97
C ASN A 128 -12.88 -0.46 -5.92
N ILE A 129 -11.93 -1.12 -6.57
CA ILE A 129 -12.18 -2.29 -7.38
C ILE A 129 -11.38 -3.42 -6.72
N SER A 130 -12.08 -4.46 -6.26
CA SER A 130 -11.44 -5.66 -5.71
C SER A 130 -12.12 -6.94 -6.26
N PRO A 131 -11.32 -7.97 -6.61
CA PRO A 131 -11.91 -9.17 -7.22
C PRO A 131 -12.76 -10.01 -6.24
N ARG A 132 -13.99 -10.29 -6.67
CA ARG A 132 -14.93 -11.13 -5.95
C ARG A 132 -14.82 -12.60 -6.37
N THR A 133 -14.70 -12.83 -7.68
CA THR A 133 -14.51 -14.17 -8.28
C THR A 133 -13.34 -14.91 -7.63
N GLU A 134 -13.59 -16.13 -7.12
CA GLU A 134 -12.52 -17.03 -6.63
C GLU A 134 -11.30 -17.02 -7.59
N GLY A 135 -11.56 -17.11 -8.89
CA GLY A 135 -10.52 -17.08 -9.92
C GLY A 135 -9.77 -15.77 -9.96
N GLY A 136 -10.51 -14.66 -9.93
CA GLY A 136 -9.94 -13.31 -9.88
C GLY A 136 -8.93 -13.15 -8.77
N LYS A 137 -9.30 -13.62 -7.58
CA LYS A 137 -8.42 -13.63 -6.39
C LYS A 137 -7.16 -14.42 -6.66
N ILE A 138 -7.32 -15.61 -7.24
CA ILE A 138 -6.19 -16.46 -7.55
C ILE A 138 -5.35 -15.87 -8.68
N PHE A 139 -6.02 -15.34 -9.71
CA PHE A 139 -5.30 -14.66 -10.77
C PHE A 139 -4.58 -13.42 -10.25
N CYS A 140 -5.22 -12.69 -9.34
CA CYS A 140 -4.63 -11.50 -8.70
C CYS A 140 -3.40 -11.83 -7.83
N ILE A 141 -3.47 -12.93 -7.08
CA ILE A 141 -2.31 -13.44 -6.32
C ILE A 141 -1.11 -13.62 -7.25
N ILE A 142 -1.34 -14.31 -8.36
CA ILE A 142 -0.29 -14.64 -9.30
C ILE A 142 0.07 -13.42 -10.15
N TYR A 143 -0.92 -12.59 -10.47
CA TYR A 143 -0.69 -11.33 -11.18
C TYR A 143 0.23 -10.41 -10.37
N ALA A 144 0.00 -10.37 -9.06
CA ALA A 144 0.80 -9.57 -8.14
C ALA A 144 2.23 -10.08 -7.98
N LEU A 145 2.37 -11.34 -7.58
CA LEU A 145 3.67 -11.92 -7.28
C LEU A 145 4.70 -11.78 -8.41
N LEU A 146 4.21 -11.77 -9.65
CA LEU A 146 5.05 -11.57 -10.83
C LEU A 146 5.05 -10.11 -11.29
N GLY A 147 3.87 -9.49 -11.27
CA GLY A 147 3.73 -8.09 -11.66
C GLY A 147 4.47 -7.08 -10.79
N ILE A 148 4.49 -7.31 -9.48
CA ILE A 148 5.13 -6.37 -8.57
C ILE A 148 6.62 -6.27 -8.89
N PRO A 149 7.37 -7.40 -8.85
CA PRO A 149 8.80 -7.36 -9.20
C PRO A 149 9.06 -6.81 -10.59
N LEU A 150 8.19 -7.14 -11.54
CA LEU A 150 8.25 -6.56 -12.90
C LEU A 150 8.20 -5.03 -12.85
N PHE A 151 7.17 -4.51 -12.19
CA PHE A 151 6.96 -3.08 -12.17
C PHE A 151 8.19 -2.38 -11.59
N GLY A 152 8.73 -2.98 -10.53
CA GLY A 152 9.98 -2.52 -9.90
C GLY A 152 11.07 -2.12 -10.87
N PHE A 153 11.23 -2.90 -11.93
CA PHE A 153 12.24 -2.62 -12.94
C PHE A 153 11.88 -1.37 -13.74
N LEU A 154 10.64 -1.30 -14.22
CA LEU A 154 10.17 -0.09 -14.90
C LEU A 154 10.42 1.16 -14.04
N LEU A 155 10.03 1.05 -12.77
CA LEU A 155 10.10 2.16 -11.80
C LEU A 155 11.53 2.50 -11.38
N ALA A 156 12.40 1.51 -11.41
CA ALA A 156 13.83 1.74 -11.24
C ALA A 156 14.40 2.44 -12.48
N GLY A 157 13.95 2.00 -13.65
CA GLY A 157 14.36 2.61 -14.91
C GLY A 157 13.93 4.06 -15.02
N VAL A 158 12.67 4.30 -14.65
CA VAL A 158 12.12 5.67 -14.64
C VAL A 158 12.79 6.52 -13.55
N GLY A 159 13.19 5.88 -12.46
CA GLY A 159 14.00 6.53 -11.43
C GLY A 159 15.41 6.89 -11.90
N ASP A 160 16.04 5.99 -12.65
CA ASP A 160 17.35 6.26 -13.26
C ASP A 160 17.21 7.38 -14.28
N GLN A 161 16.26 7.23 -15.19
CA GLN A 161 16.01 8.22 -16.23
C GLN A 161 15.75 9.61 -15.63
N LEU A 162 14.83 9.67 -14.67
CA LEU A 162 14.60 10.91 -13.92
C LEU A 162 15.87 11.34 -13.17
N GLY A 163 16.58 10.40 -12.58
CA GLY A 163 17.82 10.64 -11.82
C GLY A 163 18.94 11.37 -12.56
N THR A 164 19.21 10.93 -13.78
CA THR A 164 20.19 11.61 -14.64
C THR A 164 19.59 12.85 -15.34
N ILE A 165 18.26 12.92 -15.44
CA ILE A 165 17.58 14.14 -15.89
C ILE A 165 17.91 15.31 -14.95
N PHE A 166 17.66 15.12 -13.66
CA PHE A 166 17.95 16.14 -12.65
CA PHE A 166 17.95 16.14 -12.65
C PHE A 166 19.47 16.37 -12.51
N GLY A 167 20.28 15.35 -12.78
CA GLY A 167 21.74 15.50 -12.84
C GLY A 167 22.24 16.53 -13.85
N LYS A 168 21.54 16.64 -14.98
CA LYS A 168 21.77 17.70 -15.97
C LYS A 168 21.26 19.08 -15.50
N GLY A 169 20.19 19.08 -14.71
CA GLY A 169 19.73 20.29 -14.02
C GLY A 169 20.70 20.90 -13.01
N ILE A 170 21.44 20.08 -12.26
CA ILE A 170 22.42 20.57 -11.24
C ILE A 170 23.85 20.79 -11.76
N ALA A 171 24.20 20.21 -12.90
CA ALA A 171 25.48 20.52 -13.56
C ALA A 171 25.59 22.02 -13.92
N LYS A 172 24.48 22.59 -14.39
CA LYS A 172 24.38 24.04 -14.66
C LYS A 172 24.31 24.90 -13.38
N VAL A 173 23.59 24.40 -12.37
CA VAL A 173 23.35 25.12 -11.10
C VAL A 173 24.55 25.05 -10.13
N GLU A 174 25.37 24.00 -10.24
CA GLU A 174 26.59 23.88 -9.41
C GLU A 174 27.85 24.49 -10.02
N ASP A 175 27.72 25.22 -11.14
CA ASP A 175 28.82 26.03 -11.71
C ASP A 175 28.54 27.54 -11.55
N THR A 176 27.32 27.98 -11.83
CA THR A 176 26.95 29.41 -11.70
C THR A 176 26.98 29.91 -10.24
N PHE A 177 26.51 29.08 -9.29
CA PHE A 177 26.57 29.41 -7.84
C PHE A 177 27.87 29.00 -7.13
N ILE A 178 28.81 28.36 -7.81
CA ILE A 178 30.13 28.01 -7.27
C ILE A 178 31.22 28.69 -8.12
N LYS A 179 31.19 30.02 -8.10
CA LYS A 179 32.27 30.85 -8.66
C LYS A 179 32.22 32.26 -8.04
N TRP A 180 31.81 32.34 -6.77
CA TRP A 180 31.61 33.62 -6.06
C TRP A 180 31.39 33.32 -4.56
N ASN A 181 30.17 33.40 -4.06
CA ASN A 181 29.91 33.40 -2.62
C ASN A 181 30.08 32.03 -1.93
N VAL A 182 29.92 32.04 -0.60
CA VAL A 182 29.84 30.85 0.30
C VAL A 182 29.83 29.49 -0.45
N SER A 183 31.02 28.88 -0.58
CA SER A 183 31.28 27.79 -1.53
C SER A 183 30.90 26.36 -1.00
N GLN A 184 31.60 25.29 -1.41
CA GLN A 184 31.00 23.92 -1.48
C GLN A 184 30.80 23.07 -0.21
N THR A 185 30.04 21.97 -0.41
CA THR A 185 29.60 20.98 0.60
C THR A 185 28.44 21.49 1.50
N LYS A 186 28.42 22.80 1.77
CA LYS A 186 27.24 23.55 2.21
C LYS A 186 26.26 23.84 1.07
N ILE A 187 26.75 23.94 -0.17
CA ILE A 187 25.89 24.06 -1.36
C ILE A 187 25.18 22.72 -1.69
N ARG A 188 25.64 21.62 -1.09
CA ARG A 188 24.88 20.36 -1.06
C ARG A 188 23.50 20.52 -0.38
N ILE A 189 23.41 21.40 0.62
CA ILE A 189 22.13 21.76 1.27
C ILE A 189 21.23 22.52 0.28
N ILE A 190 21.81 23.38 -0.55
CA ILE A 190 21.03 24.22 -1.48
C ILE A 190 20.56 23.47 -2.74
N SER A 191 21.34 22.49 -3.18
CA SER A 191 20.94 21.61 -4.29
C SER A 191 19.74 20.72 -3.93
N THR A 192 19.72 20.21 -2.70
CA THR A 192 18.62 19.34 -2.23
C THR A 192 17.30 20.09 -2.00
N ILE A 193 17.37 21.38 -1.66
CA ILE A 193 16.17 22.23 -1.54
C ILE A 193 15.52 22.46 -2.91
N ILE A 194 16.34 22.60 -3.96
CA ILE A 194 15.85 22.81 -5.33
C ILE A 194 15.32 21.51 -5.94
N PHE A 195 15.78 20.35 -5.45
CA PHE A 195 15.13 19.07 -5.78
C PHE A 195 13.71 19.08 -5.22
N ILE A 196 13.62 19.20 -3.90
CA ILE A 196 12.35 19.09 -3.19
C ILE A 196 11.36 20.16 -3.66
N LEU A 197 11.86 21.37 -3.83
CA LEU A 197 11.08 22.49 -4.37
C LEU A 197 10.53 22.20 -5.79
N PHE A 198 11.42 22.08 -6.78
CA PHE A 198 10.99 21.83 -8.19
C PHE A 198 10.28 20.49 -8.36
N GLY A 199 10.64 19.54 -7.51
CA GLY A 199 9.96 18.26 -7.49
C GLY A 199 8.52 18.44 -7.08
N CYS A 200 8.31 18.93 -5.87
CA CYS A 200 6.96 19.15 -5.37
C CYS A 200 6.13 20.10 -6.25
N VAL A 201 6.77 20.77 -7.20
CA VAL A 201 6.05 21.49 -8.25
C VAL A 201 5.36 20.57 -9.28
N LEU A 202 6.12 19.80 -10.08
CA LEU A 202 5.49 18.92 -11.11
C LEU A 202 4.77 17.68 -10.53
N PHE A 203 5.12 17.26 -9.32
CA PHE A 203 4.66 15.96 -8.78
C PHE A 203 3.67 16.01 -7.62
N VAL A 204 3.57 17.17 -6.97
CA VAL A 204 2.61 17.39 -5.87
C VAL A 204 1.66 18.57 -6.18
N ALA A 205 2.21 19.72 -6.52
CA ALA A 205 1.43 20.93 -6.78
C ALA A 205 0.60 20.84 -8.06
N LEU A 206 1.31 20.74 -9.18
CA LEU A 206 0.71 20.79 -10.51
C LEU A 206 -0.39 19.72 -10.73
N PRO A 207 -0.13 18.46 -10.32
CA PRO A 207 -1.20 17.45 -10.43
C PRO A 207 -2.34 17.69 -9.44
N ALA A 208 -2.04 18.19 -8.24
CA ALA A 208 -3.10 18.54 -7.27
C ALA A 208 -4.01 19.65 -7.78
N VAL A 209 -3.43 20.64 -8.47
CA VAL A 209 -4.20 21.72 -9.10
C VAL A 209 -5.17 21.16 -10.13
N ILE A 210 -4.71 20.17 -10.90
CA ILE A 210 -5.52 19.55 -11.95
C ILE A 210 -6.61 18.63 -11.36
N PHE A 211 -6.28 17.85 -10.32
CA PHE A 211 -7.26 17.01 -9.63
C PHE A 211 -8.37 17.81 -9.00
N LYS A 212 -7.99 18.92 -8.35
CA LYS A 212 -8.95 19.85 -7.75
C LYS A 212 -9.96 20.33 -8.80
N HIS A 213 -9.45 20.81 -9.94
CA HIS A 213 -10.30 21.37 -11.00
C HIS A 213 -11.04 20.32 -11.84
N ILE A 214 -10.53 19.07 -11.89
CA ILE A 214 -11.17 17.99 -12.68
C ILE A 214 -12.16 17.15 -11.85
N GLU A 215 -11.67 16.58 -10.75
CA GLU A 215 -12.52 15.77 -9.88
C GLU A 215 -13.54 16.61 -9.13
N GLY A 216 -13.12 17.84 -8.78
CA GLY A 216 -13.91 18.76 -7.95
C GLY A 216 -13.51 18.73 -6.49
N TRP A 217 -12.39 18.07 -6.19
CA TRP A 217 -11.94 17.89 -4.81
C TRP A 217 -11.50 19.21 -4.21
N SER A 218 -11.36 19.23 -2.88
CA SER A 218 -10.83 20.41 -2.18
C SER A 218 -9.34 20.65 -2.50
N ALA A 219 -8.77 21.67 -1.86
CA ALA A 219 -7.34 21.93 -1.93
C ALA A 219 -6.57 20.79 -1.25
N LEU A 220 -6.92 20.53 0.02
CA LEU A 220 -6.25 19.50 0.81
C LEU A 220 -6.54 18.12 0.25
N ASP A 221 -7.80 17.86 -0.07
CA ASP A 221 -8.23 16.57 -0.61
C ASP A 221 -7.29 16.10 -1.77
N ALA A 222 -6.91 17.04 -2.64
CA ALA A 222 -6.02 16.75 -3.79
C ALA A 222 -4.56 16.51 -3.40
N ILE A 223 -4.04 17.33 -2.48
CA ILE A 223 -2.69 17.10 -1.93
C ILE A 223 -2.65 15.77 -1.20
N TYR A 224 -3.68 15.53 -0.38
CA TYR A 224 -3.79 14.31 0.42
C TYR A 224 -3.82 13.06 -0.46
N PHE A 225 -4.66 13.08 -1.51
CA PHE A 225 -4.68 12.01 -2.54
C PHE A 225 -3.31 11.75 -3.16
N VAL A 226 -2.60 12.82 -3.49
CA VAL A 226 -1.27 12.74 -4.09
C VAL A 226 -0.29 11.99 -3.17
N VAL A 227 -0.24 12.38 -1.89
CA VAL A 227 0.68 11.74 -0.95
C VAL A 227 0.26 10.30 -0.67
N ILE A 228 -1.04 10.08 -0.53
CA ILE A 228 -1.61 8.75 -0.36
C ILE A 228 -1.37 7.83 -1.59
N THR A 229 -1.50 8.37 -2.80
CA THR A 229 -1.26 7.62 -4.02
C THR A 229 0.22 7.35 -4.20
N LEU A 230 1.05 8.41 -4.19
CA LEU A 230 2.50 8.28 -4.48
C LEU A 230 3.40 7.71 -3.37
N THR A 231 2.93 7.67 -2.12
CA THR A 231 3.57 6.86 -1.07
C THR A 231 3.18 5.40 -1.22
N THR A 232 2.06 5.17 -1.89
CA THR A 232 1.49 3.86 -2.19
C THR A 232 0.84 3.27 -0.96
N ILE A 233 0.34 4.13 -0.07
CA ILE A 233 -0.53 3.70 1.02
C ILE A 233 -1.86 3.43 0.33
N GLY A 234 -2.30 4.37 -0.52
CA GLY A 234 -3.45 4.21 -1.39
C GLY A 234 -4.71 3.73 -0.69
N PHE A 235 -5.17 4.47 0.31
CA PHE A 235 -6.40 4.13 1.04
C PHE A 235 -7.51 3.84 0.06
N GLY A 236 -7.72 4.75 -0.89
CA GLY A 236 -8.83 4.67 -1.83
C GLY A 236 -9.95 5.64 -1.51
N ASP A 237 -9.87 6.32 -0.36
CA ASP A 237 -10.83 7.37 0.01
C ASP A 237 -10.88 8.48 -1.04
N TYR A 238 -9.77 8.67 -1.76
CA TYR A 238 -9.78 9.42 -3.01
C TYR A 238 -9.07 8.60 -4.09
N VAL A 239 -9.72 8.53 -5.25
CA VAL A 239 -9.22 7.82 -6.44
C VAL A 239 -9.52 8.70 -7.65
N ALA A 240 -8.49 9.08 -8.39
CA ALA A 240 -8.63 9.99 -9.53
C ALA A 240 -9.15 9.22 -10.75
N GLY A 241 -10.38 9.51 -11.17
CA GLY A 241 -11.09 8.70 -12.17
C GLY A 241 -12.26 7.90 -11.60
N GLY A 242 -12.30 7.71 -10.28
CA GLY A 242 -13.22 6.78 -9.59
C GLY A 242 -14.68 7.18 -9.42
N SER A 243 -15.02 8.44 -9.69
CA SER A 243 -16.43 8.88 -9.81
C SER A 243 -16.89 8.67 -11.27
N ASP A 244 -18.21 8.73 -11.51
CA ASP A 244 -18.76 8.52 -12.86
C ASP A 244 -18.94 9.87 -13.60
N ILE A 245 -17.92 10.71 -13.52
CA ILE A 245 -17.86 12.00 -14.23
C ILE A 245 -17.46 11.67 -15.68
N GLU A 246 -17.87 12.52 -16.61
CA GLU A 246 -17.32 12.50 -17.99
C GLU A 246 -15.82 12.82 -17.94
N TYR A 247 -15.01 11.92 -18.47
CA TYR A 247 -13.56 12.04 -18.39
C TYR A 247 -13.01 12.25 -19.78
N LEU A 248 -12.27 13.35 -19.95
CA LEU A 248 -11.58 13.67 -21.20
C LEU A 248 -10.55 12.58 -21.46
N ASP A 249 -10.41 12.13 -22.71
CA ASP A 249 -9.40 11.11 -23.04
C ASP A 249 -7.94 11.63 -22.92
N PHE A 250 -7.82 12.91 -22.55
CA PHE A 250 -6.55 13.50 -22.16
C PHE A 250 -6.23 13.12 -20.70
N TYR A 251 -7.25 13.11 -19.83
CA TYR A 251 -7.06 12.93 -18.36
C TYR A 251 -6.47 11.57 -17.95
N LYS A 252 -7.21 10.48 -18.19
CA LYS A 252 -6.83 9.13 -17.69
C LYS A 252 -5.36 8.74 -17.91
N PRO A 253 -4.89 8.72 -19.17
CA PRO A 253 -3.48 8.37 -19.39
C PRO A 253 -2.43 9.38 -18.86
N VAL A 254 -2.82 10.64 -18.56
CA VAL A 254 -1.89 11.58 -17.87
C VAL A 254 -1.62 11.10 -16.44
N VAL A 255 -2.66 10.65 -15.76
CA VAL A 255 -2.53 10.21 -14.38
C VAL A 255 -1.66 8.95 -14.28
N TRP A 256 -1.80 8.03 -15.25
CA TRP A 256 -0.89 6.88 -15.37
C TRP A 256 0.54 7.38 -15.36
N PHE A 257 0.85 8.22 -16.34
CA PHE A 257 2.18 8.81 -16.52
C PHE A 257 2.60 9.57 -15.25
N TRP A 258 1.65 10.26 -14.59
CA TRP A 258 1.94 10.93 -13.33
C TRP A 258 2.39 9.93 -12.27
N ILE A 259 1.65 8.84 -12.12
CA ILE A 259 1.98 7.78 -11.16
C ILE A 259 3.33 7.18 -11.45
N LEU A 260 3.54 6.81 -12.70
CA LEU A 260 4.80 6.25 -13.17
C LEU A 260 6.01 7.06 -12.71
N VAL A 261 5.95 8.38 -12.87
CA VAL A 261 7.07 9.27 -12.52
C VAL A 261 6.97 9.71 -11.05
N GLY A 262 5.76 10.06 -10.63
CA GLY A 262 5.47 10.44 -9.26
C GLY A 262 5.95 9.44 -8.22
N LEU A 263 5.67 8.17 -8.49
CA LEU A 263 6.18 7.09 -7.66
C LEU A 263 7.70 7.16 -7.55
N ALA A 264 8.36 7.32 -8.69
CA ALA A 264 9.82 7.36 -8.74
C ALA A 264 10.34 8.50 -7.90
N TYR A 265 9.75 9.69 -8.09
CA TYR A 265 10.18 10.87 -7.35
C TYR A 265 10.02 10.67 -5.83
N PHE A 266 8.87 10.17 -5.41
CA PHE A 266 8.60 9.91 -3.97
C PHE A 266 9.53 8.85 -3.39
N ALA A 267 9.86 7.84 -4.19
CA ALA A 267 10.80 6.82 -3.78
C ALA A 267 12.15 7.42 -3.38
N ALA A 268 12.55 8.47 -4.09
CA ALA A 268 13.74 9.24 -3.74
C ALA A 268 13.51 10.06 -2.47
N VAL A 269 12.40 10.79 -2.47
CA VAL A 269 12.03 11.62 -1.32
C VAL A 269 12.05 10.80 -0.04
N LEU A 270 11.29 9.72 -0.04
CA LEU A 270 11.18 8.85 1.12
C LEU A 270 12.52 8.24 1.49
N SER A 271 13.37 7.98 0.48
CA SER A 271 14.75 7.57 0.75
C SER A 271 15.57 8.68 1.39
N MET A 272 15.41 9.89 0.89
CA MET A 272 16.09 11.06 1.45
C MET A 272 15.74 11.21 2.91
N ILE A 273 14.44 11.23 3.21
CA ILE A 273 13.97 11.29 4.60
C ILE A 273 14.56 10.15 5.40
N GLY A 274 14.62 8.98 4.78
CA GLY A 274 15.31 7.81 5.34
C GLY A 274 16.73 8.11 5.76
N ASP A 275 17.51 8.65 4.83
CA ASP A 275 18.88 9.05 5.15
C ASP A 275 18.95 10.20 6.15
N TRP A 276 17.95 11.10 6.19
CA TRP A 276 17.90 12.15 7.25
C TRP A 276 17.80 11.49 8.61
N LEU A 277 16.90 10.52 8.70
CA LEU A 277 16.70 9.76 9.94
C LEU A 277 17.90 8.86 10.31
N ARG A 278 18.80 8.58 9.36
CA ARG A 278 20.11 7.97 9.66
C ARG A 278 20.94 8.91 10.47
N VAL A 279 21.04 10.15 10.00
CA VAL A 279 21.94 11.14 10.60
C VAL A 279 21.47 11.50 12.01
N ILE A 280 20.19 11.86 12.11
CA ILE A 280 19.59 12.26 13.39
C ILE A 280 19.77 11.18 14.47
N ALA A 281 19.74 9.92 14.04
CA ALA A 281 20.07 8.80 14.92
C ALA A 281 21.55 8.86 15.30
N LYS A 282 22.43 8.85 14.32
CA LYS A 282 23.87 8.94 14.56
C LYS A 282 24.26 10.15 15.43
N LYS A 283 23.55 11.26 15.30
CA LYS A 283 23.77 12.43 16.15
C LYS A 283 23.30 12.20 17.60
N THR A 284 22.11 11.65 17.78
CA THR A 284 21.61 11.35 19.15
C THR A 284 22.34 10.16 19.76
N LYS A 285 22.85 9.27 18.92
CA LYS A 285 23.73 8.18 19.34
C LYS A 285 25.01 8.74 19.93
N GLU A 286 25.65 9.65 19.21
CA GLU A 286 26.85 10.36 19.69
C GLU A 286 26.55 11.33 20.83
N ALA A 287 25.35 11.95 20.83
CA ALA A 287 24.96 12.87 21.90
C ALA A 287 24.71 12.15 23.24
N VAL A 288 24.20 10.92 23.17
CA VAL A 288 24.11 10.06 24.35
C VAL A 288 25.50 9.61 24.80
N GLY A 289 26.38 9.36 23.82
CA GLY A 289 27.78 9.03 24.06
C GLY A 289 28.48 10.03 24.95
N GLU A 290 28.44 11.31 24.57
CA GLU A 290 29.05 12.39 25.40
C GLU A 290 28.30 12.57 26.73
N PHE A 291 26.97 12.41 26.73
CA PHE A 291 26.19 12.54 27.98
C PHE A 291 26.54 11.44 29.01
N ARG A 292 26.67 10.20 28.52
CA ARG A 292 27.17 9.11 29.37
C ARG A 292 28.62 9.31 29.79
N ALA A 293 29.44 9.85 28.88
CA ALA A 293 30.89 10.05 29.14
C ALA A 293 31.25 11.02 30.27
N HIS A 294 30.63 12.19 30.28
CA HIS A 294 30.88 13.19 31.36
C HIS A 294 30.20 12.75 32.67
N ALA A 295 28.90 12.44 32.63
CA ALA A 295 28.18 11.69 33.71
C ALA A 295 28.94 10.52 34.37
N ALA A 296 29.24 9.44 33.63
CA ALA A 296 29.90 8.23 34.18
C ALA A 296 31.25 8.49 34.87
N GLU A 297 32.03 9.43 34.33
CA GLU A 297 33.30 9.89 34.94
C GLU A 297 33.07 10.89 36.10
N TRP A 298 32.02 11.70 36.03
CA TRP A 298 31.57 12.49 37.18
C TRP A 298 31.16 11.57 38.35
N THR A 299 30.30 10.57 38.07
CA THR A 299 29.83 9.59 39.08
C THR A 299 30.98 8.75 39.66
N ALA A 300 31.93 8.39 38.81
CA ALA A 300 33.00 7.46 39.20
C ALA A 300 33.99 8.00 40.24
N ASN A 301 34.27 9.31 40.20
CA ASN A 301 35.26 9.92 41.10
C ASN A 301 34.84 9.80 42.58
N VAL A 302 33.55 9.99 42.85
CA VAL A 302 32.87 9.78 44.16
C VAL A 302 33.51 10.53 45.35
N SER B 16 32.74 7.38 -22.35
CA SER B 16 31.46 7.79 -23.03
C SER B 16 30.25 7.73 -22.07
N ASP B 17 30.01 8.86 -21.39
CA ASP B 17 28.98 8.99 -20.34
C ASP B 17 27.55 8.89 -20.91
N SER B 18 27.36 9.36 -22.14
CA SER B 18 26.04 9.31 -22.81
C SER B 18 25.84 8.07 -23.71
N ALA B 19 26.91 7.30 -23.96
CA ALA B 19 26.80 6.03 -24.73
C ALA B 19 26.11 4.94 -23.90
N ILE B 20 26.42 4.87 -22.60
CA ILE B 20 25.72 3.98 -21.67
C ILE B 20 24.27 4.42 -21.43
N ASN B 21 24.01 5.73 -21.35
CA ASN B 21 22.65 6.28 -21.16
C ASN B 21 21.70 6.03 -22.31
N VAL B 22 22.23 5.95 -23.54
CA VAL B 22 21.44 5.51 -24.69
C VAL B 22 21.08 4.00 -24.55
N MET B 23 22.03 3.21 -24.06
CA MET B 23 21.77 1.78 -23.78
C MET B 23 20.81 1.58 -22.60
N LYS B 24 20.69 2.57 -21.72
CA LYS B 24 19.68 2.58 -20.64
C LYS B 24 18.29 2.81 -21.20
N TRP B 25 18.08 3.88 -21.98
CA TRP B 25 16.74 4.23 -22.50
C TRP B 25 16.15 3.10 -23.36
N LYS B 26 17.01 2.45 -24.15
CA LYS B 26 16.61 1.26 -24.93
C LYS B 26 16.15 0.11 -24.02
N THR B 27 16.71 0.03 -22.82
CA THR B 27 16.26 -0.91 -21.79
C THR B 27 14.93 -0.45 -21.18
N VAL B 28 14.88 0.78 -20.67
CA VAL B 28 13.68 1.29 -19.97
C VAL B 28 12.46 1.28 -20.87
N SER B 29 12.61 1.75 -22.10
CA SER B 29 11.49 1.79 -23.05
C SER B 29 10.96 0.38 -23.37
N THR B 30 11.88 -0.56 -23.58
CA THR B 30 11.49 -1.94 -23.85
C THR B 30 10.71 -2.52 -22.66
N ILE B 31 11.19 -2.29 -21.44
CA ILE B 31 10.49 -2.74 -20.23
C ILE B 31 9.13 -2.09 -20.18
N PHE B 32 9.10 -0.76 -20.32
CA PHE B 32 7.86 0.02 -20.28
C PHE B 32 6.76 -0.68 -21.11
N LEU B 33 7.11 -1.09 -22.32
CA LEU B 33 6.16 -1.73 -23.23
C LEU B 33 5.78 -3.15 -22.77
N VAL B 34 6.69 -3.82 -22.07
CA VAL B 34 6.41 -5.11 -21.42
C VAL B 34 5.36 -4.94 -20.33
N VAL B 35 5.51 -3.87 -19.54
CA VAL B 35 4.58 -3.56 -18.46
C VAL B 35 3.24 -3.18 -19.07
N VAL B 36 3.26 -2.32 -20.09
CA VAL B 36 2.04 -1.88 -20.78
C VAL B 36 1.26 -3.08 -21.31
N LEU B 37 1.96 -3.98 -21.97
CA LEU B 37 1.41 -5.26 -22.46
C LEU B 37 0.89 -6.13 -21.30
N TYR B 38 1.67 -6.22 -20.23
CA TYR B 38 1.29 -6.96 -19.04
C TYR B 38 0.04 -6.40 -18.37
N LEU B 39 -0.13 -5.08 -18.42
CA LEU B 39 -1.35 -4.42 -17.94
C LEU B 39 -2.54 -4.77 -18.82
N ILE B 40 -2.31 -4.88 -20.12
CA ILE B 40 -3.36 -5.26 -21.06
C ILE B 40 -3.78 -6.71 -20.83
N ILE B 41 -2.79 -7.60 -20.62
CA ILE B 41 -3.04 -9.02 -20.32
C ILE B 41 -3.87 -9.16 -19.05
N GLY B 42 -3.39 -8.56 -17.97
CA GLY B 42 -4.10 -8.56 -16.69
C GLY B 42 -5.50 -8.00 -16.80
N ALA B 43 -5.60 -6.83 -17.44
CA ALA B 43 -6.89 -6.15 -17.65
C ALA B 43 -7.91 -7.12 -18.22
N THR B 44 -7.56 -7.67 -19.38
CA THR B 44 -8.43 -8.55 -20.15
C THR B 44 -8.83 -9.80 -19.37
N VAL B 45 -7.92 -10.34 -18.59
CA VAL B 45 -8.19 -11.51 -17.74
C VAL B 45 -9.15 -11.15 -16.59
N PHE B 46 -8.98 -9.95 -16.01
CA PHE B 46 -9.83 -9.52 -14.89
C PHE B 46 -11.28 -9.22 -15.37
N LYS B 47 -11.42 -8.37 -16.39
CA LYS B 47 -12.75 -8.12 -16.97
C LYS B 47 -13.36 -9.40 -17.56
N ALA B 48 -12.53 -10.38 -17.92
CA ALA B 48 -13.04 -11.73 -18.24
C ALA B 48 -13.56 -12.42 -16.98
N LEU B 49 -12.74 -12.40 -15.92
CA LEU B 49 -13.12 -13.04 -14.67
C LEU B 49 -14.30 -12.37 -13.96
N GLU B 50 -14.39 -11.04 -14.06
CA GLU B 50 -15.28 -10.21 -13.22
C GLU B 50 -16.50 -9.54 -13.90
N GLN B 51 -16.49 -9.39 -15.23
CA GLN B 51 -17.64 -8.88 -15.96
C GLN B 51 -18.90 -9.72 -15.74
N PRO B 52 -18.79 -11.07 -15.74
CA PRO B 52 -19.97 -11.92 -15.48
C PRO B 52 -20.66 -11.66 -14.13
N GLN B 53 -19.89 -11.77 -13.04
CA GLN B 53 -20.46 -11.60 -11.71
C GLN B 53 -20.93 -10.18 -11.43
N GLU B 54 -20.38 -9.22 -12.16
CA GLU B 54 -20.82 -7.83 -12.07
C GLU B 54 -22.26 -7.70 -12.59
N ILE B 55 -22.48 -8.05 -13.85
CA ILE B 55 -23.79 -7.83 -14.47
C ILE B 55 -24.86 -8.74 -13.85
N SER B 56 -24.46 -9.92 -13.39
CA SER B 56 -25.40 -10.86 -12.71
C SER B 56 -25.81 -10.41 -11.30
N GLN B 57 -24.94 -9.65 -10.62
CA GLN B 57 -25.32 -8.97 -9.38
C GLN B 57 -26.00 -7.61 -9.66
N ARG B 58 -25.62 -6.94 -10.75
CA ARG B 58 -26.27 -5.69 -11.22
C ARG B 58 -27.71 -5.90 -11.64
N THR B 59 -27.97 -6.96 -12.40
CA THR B 59 -29.33 -7.30 -12.80
C THR B 59 -30.17 -7.79 -11.59
N THR B 60 -29.58 -8.56 -10.67
CA THR B 60 -30.29 -9.01 -9.45
C THR B 60 -30.35 -7.98 -8.29
N ILE B 61 -29.81 -6.76 -8.49
CA ILE B 61 -30.00 -5.65 -7.52
C ILE B 61 -31.16 -4.71 -7.92
N VAL B 62 -31.46 -4.60 -9.22
CA VAL B 62 -32.63 -3.85 -9.69
C VAL B 62 -33.92 -4.70 -9.55
N ILE B 63 -33.80 -6.00 -9.27
CA ILE B 63 -34.93 -6.82 -8.75
C ILE B 63 -35.28 -6.36 -7.32
N GLN B 64 -34.27 -6.24 -6.47
CA GLN B 64 -34.45 -5.75 -5.09
C GLN B 64 -34.86 -4.26 -5.01
N ARG B 65 -34.52 -3.46 -6.04
CA ARG B 65 -34.96 -2.06 -6.14
C ARG B 65 -36.43 -1.98 -6.49
N GLU B 66 -36.80 -2.53 -7.66
CA GLU B 66 -38.18 -2.49 -8.17
C GLU B 66 -39.18 -3.35 -7.38
N LYS B 67 -38.69 -4.27 -6.54
CA LYS B 67 -39.53 -4.93 -5.55
C LYS B 67 -39.96 -3.95 -4.44
N PHE B 68 -39.04 -3.07 -4.01
CA PHE B 68 -39.37 -2.05 -3.00
C PHE B 68 -39.56 -0.63 -3.51
N LEU B 69 -39.63 -0.47 -4.83
CA LEU B 69 -40.16 0.75 -5.49
C LEU B 69 -41.68 0.71 -5.55
N ARG B 70 -42.21 -0.45 -5.97
CA ARG B 70 -43.65 -0.69 -6.14
C ARG B 70 -44.35 -1.13 -4.84
N ALA B 71 -43.61 -1.65 -3.85
CA ALA B 71 -44.14 -2.04 -2.56
C ALA B 71 -44.37 -0.85 -1.62
N HIS B 72 -43.60 0.23 -1.79
CA HIS B 72 -43.83 1.48 -1.03
C HIS B 72 -43.74 2.77 -1.89
N PRO B 73 -44.68 2.97 -2.86
CA PRO B 73 -44.70 4.25 -3.63
C PRO B 73 -45.04 5.51 -2.80
N CYS B 74 -45.62 5.32 -1.61
CA CYS B 74 -45.90 6.44 -0.71
C CYS B 74 -44.65 7.24 -0.32
N VAL B 75 -43.46 6.61 -0.36
CA VAL B 75 -42.20 7.35 -0.31
C VAL B 75 -41.89 7.87 -1.71
N SER B 76 -41.52 9.15 -1.79
CA SER B 76 -41.25 9.89 -3.03
C SER B 76 -40.77 9.10 -4.27
N ASP B 77 -39.90 8.11 -4.03
CA ASP B 77 -39.43 7.13 -5.05
C ASP B 77 -38.17 7.63 -5.78
N GLN B 78 -38.06 8.94 -6.00
CA GLN B 78 -36.78 9.59 -6.37
C GLN B 78 -35.80 9.69 -5.18
N GLU B 79 -36.36 9.98 -3.99
CA GLU B 79 -35.64 9.99 -2.71
C GLU B 79 -34.98 8.67 -2.29
N LEU B 80 -35.42 7.52 -2.82
CA LEU B 80 -34.82 6.22 -2.45
C LEU B 80 -33.35 6.13 -2.87
N ASP B 81 -33.04 6.58 -4.08
CA ASP B 81 -31.65 6.58 -4.56
C ASP B 81 -30.82 7.65 -3.83
N GLU B 82 -31.45 8.76 -3.43
CA GLU B 82 -30.81 9.75 -2.52
C GLU B 82 -30.48 9.10 -1.17
N LEU B 83 -31.44 8.38 -0.60
CA LEU B 83 -31.30 7.72 0.70
C LEU B 83 -30.17 6.71 0.70
N ILE B 84 -30.09 5.91 -0.37
CA ILE B 84 -29.05 4.89 -0.47
C ILE B 84 -27.66 5.54 -0.54
N GLN B 85 -27.57 6.65 -1.28
CA GLN B 85 -26.32 7.43 -1.34
C GLN B 85 -25.97 8.09 0.01
N GLN B 86 -26.98 8.51 0.78
CA GLN B 86 -26.78 9.00 2.16
C GLN B 86 -26.26 7.92 3.11
N ILE B 87 -26.69 6.66 2.91
CA ILE B 87 -26.23 5.51 3.71
C ILE B 87 -24.83 5.09 3.29
N VAL B 88 -24.60 5.05 1.98
CA VAL B 88 -23.29 4.65 1.44
C VAL B 88 -22.21 5.64 1.89
N ALA B 89 -22.51 6.94 1.84
CA ALA B 89 -21.57 7.99 2.28
C ALA B 89 -21.20 7.88 3.76
N ALA B 90 -22.18 7.47 4.58
CA ALA B 90 -21.96 7.28 6.01
C ALA B 90 -21.28 5.95 6.35
N ILE B 91 -21.43 4.97 5.46
CA ILE B 91 -20.72 3.71 5.58
C ILE B 91 -19.20 3.95 5.64
N ASN B 92 -18.71 4.91 4.84
CA ASN B 92 -17.27 5.24 4.82
C ASN B 92 -16.70 5.85 6.11
N ALA B 93 -17.57 6.35 6.99
CA ALA B 93 -17.20 6.74 8.35
C ALA B 93 -17.29 5.53 9.34
N GLY B 94 -18.11 4.54 8.97
CA GLY B 94 -18.07 3.20 9.58
C GLY B 94 -19.32 2.89 10.36
N ILE B 95 -20.47 3.05 9.71
CA ILE B 95 -21.76 2.97 10.38
C ILE B 95 -22.38 1.60 10.22
N ILE B 96 -23.34 1.30 11.10
CA ILE B 96 -24.17 0.11 11.01
C ILE B 96 -25.61 0.53 11.43
N PRO B 97 -26.27 1.39 10.62
CA PRO B 97 -27.51 2.04 11.08
C PRO B 97 -28.67 1.05 11.14
N LEU B 98 -29.20 0.78 12.34
CA LEU B 98 -30.22 -0.26 12.52
C LEU B 98 -31.16 0.04 13.69
N GLY B 99 -32.42 -0.38 13.55
CA GLY B 99 -33.41 -0.25 14.64
C GLY B 99 -33.14 -1.17 15.82
N ALA B 100 -32.71 -2.40 15.52
CA ALA B 100 -32.37 -3.37 16.57
C ALA B 100 -31.00 -3.14 17.25
N SER B 101 -30.15 -2.28 16.69
CA SER B 101 -28.79 -2.02 17.25
C SER B 101 -28.24 -0.60 17.01
N SER B 102 -28.42 0.29 18.00
CA SER B 102 -27.93 1.68 17.92
C SER B 102 -26.75 2.03 18.87
N ASN B 103 -26.45 1.18 19.87
CA ASN B 103 -25.20 1.29 20.63
C ASN B 103 -24.19 0.35 19.97
N GLN B 104 -22.95 0.82 19.81
CA GLN B 104 -21.95 0.17 18.93
C GLN B 104 -20.49 0.42 19.34
N VAL B 105 -19.57 -0.32 18.70
CA VAL B 105 -18.11 -0.20 18.95
C VAL B 105 -17.63 1.10 18.27
N SER B 106 -16.36 1.44 18.49
CA SER B 106 -15.71 2.51 17.75
C SER B 106 -14.73 2.00 16.69
N HIS B 107 -14.70 2.70 15.55
CA HIS B 107 -13.67 2.52 14.50
C HIS B 107 -12.36 3.29 14.80
N TRP B 108 -12.37 4.25 15.73
CA TRP B 108 -11.16 4.98 16.13
C TRP B 108 -10.92 4.87 17.63
N ASP B 109 -11.09 3.68 18.18
CA ASP B 109 -10.85 3.47 19.61
C ASP B 109 -9.33 3.54 19.91
N LEU B 110 -8.96 3.31 21.18
CA LEU B 110 -7.56 3.12 21.57
C LEU B 110 -6.77 2.21 20.60
N GLY B 111 -7.36 1.10 20.19
CA GLY B 111 -6.71 0.09 19.33
C GLY B 111 -6.82 0.27 17.82
N SER B 112 -7.99 0.69 17.33
CA SER B 112 -8.22 0.80 15.88
C SER B 112 -7.49 1.99 15.22
N SER B 113 -7.19 3.02 16.00
CA SER B 113 -6.30 4.09 15.55
C SER B 113 -4.84 3.61 15.49
N PHE B 114 -4.42 2.79 16.46
CA PHE B 114 -3.07 2.17 16.50
C PHE B 114 -2.86 1.24 15.32
N PHE B 115 -3.91 0.46 15.00
CA PHE B 115 -4.00 -0.27 13.74
C PHE B 115 -3.75 0.69 12.59
N PHE B 116 -4.52 1.77 12.54
CA PHE B 116 -4.44 2.74 11.43
C PHE B 116 -3.07 3.38 11.21
N ALA B 117 -2.33 3.62 12.29
CA ALA B 117 -0.94 4.04 12.18
C ALA B 117 -0.13 2.96 11.48
N GLY B 118 -0.37 1.71 11.86
CA GLY B 118 0.19 0.55 11.19
C GLY B 118 -0.08 0.51 9.69
N THR B 119 -1.34 0.70 9.29
CA THR B 119 -1.68 0.72 7.85
C THR B 119 -0.87 1.80 7.12
N VAL B 120 -0.59 2.93 7.79
CA VAL B 120 0.11 4.06 7.18
C VAL B 120 1.62 3.84 7.03
N ILE B 121 2.32 3.46 8.10
CA ILE B 121 3.79 3.36 8.04
C ILE B 121 4.33 2.14 7.26
N THR B 122 3.52 1.08 7.22
CA THR B 122 3.78 -0.10 6.39
C THR B 122 3.42 0.13 4.93
N THR B 123 2.54 1.09 4.68
CA THR B 123 1.92 1.36 3.37
C THR B 123 1.11 0.16 2.86
N ILE B 124 0.49 -0.57 3.79
CA ILE B 124 -0.54 -1.54 3.44
C ILE B 124 -1.76 -0.70 3.11
N GLY B 125 -2.15 0.16 4.07
CA GLY B 125 -3.22 1.14 3.86
C GLY B 125 -4.55 0.50 3.55
N PHE B 126 -5.01 -0.42 4.41
CA PHE B 126 -6.24 -1.17 4.17
C PHE B 126 -7.38 -0.22 3.86
N GLY B 127 -7.47 0.89 4.59
CA GLY B 127 -8.44 1.93 4.25
C GLY B 127 -9.87 1.65 4.65
N ASN B 128 -10.09 0.56 5.39
CA ASN B 128 -11.32 0.39 6.17
C ASN B 128 -11.48 1.52 7.19
N ILE B 129 -10.36 2.05 7.65
CA ILE B 129 -10.31 3.23 8.49
C ILE B 129 -9.56 4.28 7.69
N SER B 130 -10.21 5.40 7.39
CA SER B 130 -9.56 6.55 6.73
C SER B 130 -9.96 7.87 7.40
N PRO B 131 -9.00 8.81 7.58
CA PRO B 131 -9.31 10.05 8.29
C PRO B 131 -10.25 10.99 7.52
N ARG B 132 -11.30 11.41 8.21
CA ARG B 132 -12.29 12.38 7.71
C ARG B 132 -11.88 13.82 8.08
N THR B 133 -11.43 14.00 9.33
CA THR B 133 -10.94 15.29 9.85
C THR B 133 -9.86 15.89 8.95
N GLU B 134 -10.05 17.13 8.48
CA GLU B 134 -9.02 17.87 7.74
C GLU B 134 -7.63 17.75 8.41
N GLY B 135 -7.62 17.87 9.74
CA GLY B 135 -6.39 17.70 10.53
C GLY B 135 -5.80 16.31 10.44
N GLY B 136 -6.65 15.30 10.59
CA GLY B 136 -6.27 13.89 10.43
C GLY B 136 -5.54 13.62 9.13
N LYS B 137 -6.11 14.14 8.03
CA LYS B 137 -5.51 14.06 6.69
C LYS B 137 -4.13 14.68 6.68
N ILE B 138 -4.02 15.87 7.26
CA ILE B 138 -2.75 16.58 7.30
C ILE B 138 -1.78 15.89 8.24
N PHE B 139 -2.26 15.42 9.40
CA PHE B 139 -1.43 14.66 10.30
C PHE B 139 -0.99 13.35 9.65
N CYS B 140 -1.90 12.70 8.91
CA CYS B 140 -1.59 11.46 8.17
C CYS B 140 -0.54 11.65 7.06
N ILE B 141 -0.63 12.76 6.32
CA ILE B 141 0.39 13.13 5.34
C ILE B 141 1.77 13.16 5.98
N ILE B 142 1.86 13.87 7.10
CA ILE B 142 3.12 14.06 7.80
C ILE B 142 3.51 12.79 8.57
N TYR B 143 2.51 12.09 9.10
CA TYR B 143 2.73 10.81 9.78
C TYR B 143 3.34 9.78 8.80
N ALA B 144 2.85 9.79 7.57
CA ALA B 144 3.34 8.90 6.51
C ALA B 144 4.75 9.23 6.05
N LEU B 145 4.95 10.47 5.61
CA LEU B 145 6.23 10.88 5.03
C LEU B 145 7.43 10.64 5.95
N LEU B 146 7.20 10.66 7.26
CA LEU B 146 8.24 10.33 8.25
C LEU B 146 8.17 8.89 8.71
N GLY B 147 6.95 8.41 8.94
CA GLY B 147 6.72 7.05 9.38
C GLY B 147 7.13 5.97 8.40
N ILE B 148 6.90 6.21 7.11
CA ILE B 148 7.21 5.20 6.10
C ILE B 148 8.72 4.92 6.11
N PRO B 149 9.57 5.96 5.88
CA PRO B 149 11.01 5.73 5.91
C PRO B 149 11.51 5.15 7.23
N LEU B 150 10.90 5.57 8.34
CA LEU B 150 11.18 4.98 9.66
C LEU B 150 10.94 3.48 9.66
N PHE B 151 9.73 3.08 9.26
CA PHE B 151 9.35 1.68 9.30
C PHE B 151 10.34 0.85 8.49
N GLY B 152 10.71 1.37 7.32
CA GLY B 152 11.74 0.77 6.46
C GLY B 152 12.94 0.24 7.19
N PHE B 153 13.42 0.99 8.17
CA PHE B 153 14.57 0.57 8.97
C PHE B 153 14.23 -0.63 9.85
N LEU B 154 13.12 -0.55 10.56
CA LEU B 154 12.64 -1.70 11.32
C LEU B 154 12.56 -2.96 10.46
N LEU B 155 11.95 -2.79 9.29
CA LEU B 155 11.70 -3.89 8.34
C LEU B 155 12.97 -4.40 7.65
N ALA B 156 13.95 -3.52 7.49
CA ALA B 156 15.26 -3.93 7.05
C ALA B 156 15.97 -4.69 8.16
N GLY B 157 15.83 -4.20 9.39
CA GLY B 157 16.41 -4.86 10.57
C GLY B 157 15.83 -6.23 10.79
N VAL B 158 14.50 -6.33 10.68
CA VAL B 158 13.80 -7.61 10.82
C VAL B 158 14.12 -8.54 9.63
N GLY B 159 14.38 -7.96 8.46
CA GLY B 159 14.89 -8.70 7.31
C GLY B 159 16.30 -9.25 7.51
N ASP B 160 17.17 -8.42 8.10
CA ASP B 160 18.52 -8.86 8.45
C ASP B 160 18.45 -9.94 9.50
N GLN B 161 17.72 -9.66 10.58
CA GLN B 161 17.58 -10.61 11.69
C GLN B 161 17.03 -11.95 11.19
N LEU B 162 15.93 -11.92 10.44
CA LEU B 162 15.42 -13.14 9.79
C LEU B 162 16.45 -13.73 8.83
N GLY B 163 17.14 -12.87 8.07
CA GLY B 163 18.16 -13.28 7.09
C GLY B 163 19.30 -14.13 7.63
N THR B 164 19.87 -13.72 8.75
CA THR B 164 20.92 -14.49 9.42
C THR B 164 20.33 -15.63 10.28
N ILE B 165 19.05 -15.54 10.64
CA ILE B 165 18.33 -16.67 11.27
C ILE B 165 18.34 -17.87 10.34
N PHE B 166 17.86 -17.69 9.11
CA PHE B 166 17.82 -18.76 8.11
C PHE B 166 19.25 -19.16 7.68
N GLY B 167 20.20 -18.22 7.74
CA GLY B 167 21.62 -18.52 7.51
C GLY B 167 22.22 -19.57 8.45
N LYS B 168 21.74 -19.58 9.70
CA LYS B 168 22.06 -20.63 10.68
C LYS B 168 21.36 -21.96 10.37
N GLY B 169 20.16 -21.89 9.79
CA GLY B 169 19.47 -23.06 9.26
C GLY B 169 20.18 -23.80 8.12
N ILE B 170 20.82 -23.06 7.20
CA ILE B 170 21.54 -23.66 6.05
C ILE B 170 23.02 -24.00 6.29
N ALA B 171 23.63 -23.39 7.30
CA ALA B 171 25.00 -23.76 7.70
C ALA B 171 25.09 -25.22 8.15
N LYS B 172 24.07 -25.71 8.86
CA LYS B 172 23.96 -27.13 9.26
C LYS B 172 23.57 -28.04 8.08
N VAL B 173 22.69 -27.56 7.20
CA VAL B 173 22.16 -28.34 6.07
C VAL B 173 23.13 -28.40 4.87
N GLU B 174 24.02 -27.40 4.73
CA GLU B 174 25.04 -27.41 3.66
C GLU B 174 26.38 -28.07 4.06
N ASP B 175 26.43 -28.73 5.23
CA ASP B 175 27.60 -29.54 5.63
C ASP B 175 27.25 -31.04 5.67
N THR B 176 26.10 -31.40 6.25
CA THR B 176 25.66 -32.81 6.32
C THR B 176 25.33 -33.41 4.94
N PHE B 177 24.73 -32.61 4.04
CA PHE B 177 24.49 -32.99 2.62
C PHE B 177 25.69 -32.56 1.72
N ILE B 178 26.87 -32.99 2.14
CA ILE B 178 28.11 -32.92 1.35
C ILE B 178 28.63 -34.34 1.13
N LYS B 179 27.85 -35.11 0.36
CA LYS B 179 28.27 -36.42 -0.15
C LYS B 179 29.18 -36.25 -1.37
N TRP B 180 29.72 -37.36 -1.88
CA TRP B 180 30.49 -37.39 -3.16
C TRP B 180 29.65 -36.70 -4.23
N ASN B 181 30.20 -35.62 -4.78
CA ASN B 181 29.57 -34.82 -5.85
C ASN B 181 28.45 -33.97 -5.20
N SER B 183 27.93 -30.53 -5.41
CA SER B 183 28.54 -29.31 -5.97
C SER B 183 28.25 -28.05 -5.14
N GLN B 184 28.91 -26.93 -5.50
CA GLN B 184 28.70 -25.63 -4.82
C GLN B 184 27.42 -25.03 -5.40
N THR B 185 27.47 -24.62 -6.67
CA THR B 185 26.40 -23.86 -7.33
C THR B 185 25.06 -24.63 -7.43
N LYS B 186 25.10 -25.97 -7.36
CA LYS B 186 23.89 -26.81 -7.51
C LYS B 186 23.09 -26.95 -6.20
N ILE B 187 23.79 -26.91 -5.06
CA ILE B 187 23.11 -26.90 -3.75
C ILE B 187 22.49 -25.51 -3.45
N ARG B 188 22.89 -24.49 -4.22
CA ARG B 188 22.18 -23.20 -4.23
C ARG B 188 20.72 -23.36 -4.68
N ILE B 189 20.44 -24.31 -5.58
CA ILE B 189 19.06 -24.63 -5.98
C ILE B 189 18.26 -25.25 -4.83
N ILE B 190 18.93 -26.09 -4.02
CA ILE B 190 18.28 -26.83 -2.94
C ILE B 190 18.04 -25.98 -1.69
N SER B 191 18.94 -25.00 -1.44
CA SER B 191 18.77 -24.05 -0.34
C SER B 191 17.58 -23.13 -0.55
N THR B 192 17.38 -22.67 -1.79
CA THR B 192 16.28 -21.76 -2.12
C THR B 192 14.89 -22.41 -2.08
N ILE B 193 14.82 -23.72 -2.36
CA ILE B 193 13.56 -24.47 -2.26
C ILE B 193 13.12 -24.58 -0.78
N ILE B 194 14.10 -24.77 0.11
CA ILE B 194 13.83 -24.91 1.54
C ILE B 194 13.50 -23.55 2.19
N PHE B 195 13.96 -22.45 1.59
CA PHE B 195 13.52 -21.11 1.99
C PHE B 195 12.04 -20.99 1.67
N ILE B 196 11.71 -21.12 0.39
CA ILE B 196 10.36 -20.89 -0.10
C ILE B 196 9.38 -21.84 0.57
N LEU B 197 9.78 -23.11 0.69
CA LEU B 197 8.99 -24.12 1.39
C LEU B 197 8.72 -23.76 2.88
N PHE B 198 9.77 -23.72 3.71
CA PHE B 198 9.62 -23.39 5.15
C PHE B 198 9.08 -21.99 5.40
N GLY B 199 9.38 -21.09 4.48
CA GLY B 199 8.84 -19.75 4.53
C GLY B 199 7.35 -19.78 4.38
N CYS B 200 6.88 -20.27 3.23
CA CYS B 200 5.45 -20.33 2.98
C CYS B 200 4.70 -21.17 4.02
N VAL B 201 5.41 -21.91 4.87
CA VAL B 201 4.81 -22.54 6.03
C VAL B 201 4.43 -21.55 7.15
N LEU B 202 5.40 -20.88 7.79
CA LEU B 202 5.06 -19.94 8.91
C LEU B 202 4.40 -18.64 8.46
N PHE B 203 4.58 -18.24 7.21
CA PHE B 203 4.18 -16.90 6.74
C PHE B 203 3.00 -16.82 5.77
N VAL B 204 2.65 -17.96 5.16
CA VAL B 204 1.49 -18.05 4.26
C VAL B 204 0.48 -19.12 4.75
N ALA B 205 0.96 -20.33 4.98
CA ALA B 205 0.09 -21.45 5.39
C ALA B 205 -0.46 -21.28 6.79
N LEU B 206 0.45 -21.28 7.76
CA LEU B 206 0.09 -21.28 9.17
C LEU B 206 -0.79 -20.10 9.60
N PRO B 207 -0.48 -18.86 9.15
CA PRO B 207 -1.38 -17.75 9.43
C PRO B 207 -2.71 -17.84 8.68
N ALA B 208 -2.71 -18.36 7.44
CA ALA B 208 -3.95 -18.57 6.70
C ALA B 208 -4.89 -19.57 7.39
N VAL B 209 -4.30 -20.63 7.95
CA VAL B 209 -5.05 -21.63 8.73
C VAL B 209 -5.73 -20.98 9.94
N ILE B 210 -5.02 -20.06 10.59
CA ILE B 210 -5.53 -19.36 11.77
C ILE B 210 -6.60 -18.33 11.39
N PHE B 211 -6.38 -17.58 10.30
CA PHE B 211 -7.37 -16.60 9.83
C PHE B 211 -8.68 -17.27 9.43
N LYS B 212 -8.56 -18.39 8.72
CA LYS B 212 -9.72 -19.20 8.33
C LYS B 212 -10.57 -19.58 9.56
N HIS B 213 -9.90 -20.14 10.58
CA HIS B 213 -10.59 -20.62 11.79
C HIS B 213 -11.01 -19.51 12.76
N ILE B 214 -10.36 -18.33 12.70
CA ILE B 214 -10.68 -17.20 13.60
C ILE B 214 -11.69 -16.22 12.99
N GLU B 215 -11.37 -15.69 11.82
CA GLU B 215 -12.28 -14.76 11.14
C GLU B 215 -13.51 -15.48 10.61
N GLY B 216 -13.34 -16.73 10.19
CA GLY B 216 -14.38 -17.53 9.53
C GLY B 216 -14.29 -17.49 8.01
N TRP B 217 -13.17 -16.96 7.48
CA TRP B 217 -13.00 -16.79 6.04
C TRP B 217 -12.83 -18.15 5.37
N SER B 218 -12.96 -18.18 4.05
CA SER B 218 -12.69 -19.39 3.27
C SER B 218 -11.21 -19.81 3.31
N ALA B 219 -10.90 -20.89 2.60
CA ALA B 219 -9.52 -21.32 2.42
C ALA B 219 -8.76 -20.29 1.58
N LEU B 220 -9.31 -20.00 0.40
CA LEU B 220 -8.68 -19.05 -0.52
C LEU B 220 -8.69 -17.64 0.04
N ASP B 221 -9.84 -17.24 0.56
CA ASP B 221 -9.99 -15.89 1.17
C ASP B 221 -8.82 -15.55 2.13
N ALA B 222 -8.38 -16.53 2.92
CA ALA B 222 -7.26 -16.36 3.87
C ALA B 222 -5.89 -16.30 3.21
N ILE B 223 -5.65 -17.15 2.22
CA ILE B 223 -4.41 -17.09 1.42
C ILE B 223 -4.38 -15.76 0.66
N TYR B 224 -5.50 -15.41 0.05
CA TYR B 224 -5.64 -14.17 -0.72
C TYR B 224 -5.34 -12.94 0.14
N PHE B 225 -5.95 -12.87 1.33
CA PHE B 225 -5.65 -11.81 2.32
C PHE B 225 -4.16 -11.71 2.66
N VAL B 226 -3.53 -12.87 2.87
CA VAL B 226 -2.10 -12.95 3.18
C VAL B 226 -1.26 -12.31 2.07
N VAL B 227 -1.51 -12.69 0.82
CA VAL B 227 -0.74 -12.15 -0.32
C VAL B 227 -1.04 -10.67 -0.51
N ILE B 228 -2.30 -10.31 -0.39
CA ILE B 228 -2.73 -8.91 -0.45
C ILE B 228 -2.13 -8.04 0.70
N THR B 229 -2.08 -8.57 1.91
CA THR B 229 -1.52 -7.86 3.04
C THR B 229 -0.01 -7.78 2.92
N LEU B 230 0.67 -8.92 2.76
CA LEU B 230 2.16 -8.98 2.75
C LEU B 230 2.88 -8.52 1.47
N THR B 231 2.16 -8.41 0.35
CA THR B 231 2.67 -7.68 -0.83
C THR B 231 2.51 -6.18 -0.64
N THR B 232 1.57 -5.83 0.23
CA THR B 232 1.25 -4.47 0.62
C THR B 232 0.43 -3.79 -0.47
N ILE B 233 -0.35 -4.58 -1.20
CA ILE B 233 -1.38 -4.05 -2.08
C ILE B 233 -2.49 -3.60 -1.13
N GLY B 234 -2.83 -4.49 -0.19
CA GLY B 234 -3.77 -4.22 0.91
C GLY B 234 -5.08 -3.57 0.49
N PHE B 235 -5.82 -4.25 -0.38
CA PHE B 235 -7.12 -3.78 -0.85
C PHE B 235 -7.96 -3.34 0.34
N GLY B 236 -8.08 -4.23 1.32
CA GLY B 236 -8.97 -4.03 2.46
C GLY B 236 -10.24 -4.87 2.38
N ASP B 237 -10.46 -5.54 1.24
CA ASP B 237 -11.61 -6.46 1.09
C ASP B 237 -11.58 -7.58 2.14
N TYR B 238 -10.38 -7.90 2.64
CA TYR B 238 -10.23 -8.67 3.85
C TYR B 238 -9.24 -7.95 4.77
N VAL B 239 -9.62 -7.82 6.04
CA VAL B 239 -8.80 -7.20 7.09
C VAL B 239 -8.95 -8.03 8.36
N ALA B 240 -7.83 -8.55 8.86
CA ALA B 240 -7.84 -9.47 10.00
C ALA B 240 -7.99 -8.70 11.31
N GLY B 241 -9.13 -8.87 11.98
CA GLY B 241 -9.51 -8.05 13.13
C GLY B 241 -10.69 -7.11 12.84
N GLY B 242 -11.01 -6.88 11.56
CA GLY B 242 -11.98 -5.86 11.13
C GLY B 242 -13.49 -6.03 11.39
N SER B 243 -13.91 -7.25 11.73
CA SER B 243 -15.27 -7.54 12.22
C SER B 243 -15.31 -7.39 13.75
N ASP B 244 -16.49 -7.39 14.37
CA ASP B 244 -16.59 -7.16 15.82
C ASP B 244 -16.52 -8.46 16.65
N ILE B 245 -16.03 -9.57 16.09
CA ILE B 245 -16.36 -10.92 16.64
C ILE B 245 -16.23 -11.02 18.18
N GLU B 246 -15.06 -11.42 18.67
CA GLU B 246 -14.77 -11.44 20.11
C GLU B 246 -13.34 -10.98 20.18
N TYR B 247 -12.46 -11.82 19.64
CA TYR B 247 -11.00 -11.65 19.57
C TYR B 247 -10.24 -11.90 20.86
N LEU B 248 -9.49 -13.00 20.86
CA LEU B 248 -8.85 -13.54 22.06
C LEU B 248 -7.87 -12.54 22.68
N ASP B 249 -7.40 -11.58 21.88
CA ASP B 249 -6.35 -10.66 22.28
C ASP B 249 -4.98 -11.31 22.60
N PHE B 250 -4.91 -12.64 22.45
CA PHE B 250 -3.70 -13.34 21.99
C PHE B 250 -3.58 -13.11 20.46
N TYR B 251 -4.71 -13.15 19.75
CA TYR B 251 -4.83 -12.88 18.29
C TYR B 251 -4.23 -11.53 17.80
N LYS B 252 -4.81 -10.40 18.18
CA LYS B 252 -4.45 -9.08 17.58
C LYS B 252 -2.94 -8.79 17.49
N PRO B 253 -2.23 -8.80 18.62
CA PRO B 253 -0.78 -8.57 18.56
C PRO B 253 0.06 -9.68 17.86
N VAL B 254 -0.48 -10.89 17.66
CA VAL B 254 0.20 -11.91 16.82
C VAL B 254 0.24 -11.46 15.37
N VAL B 255 -0.88 -10.92 14.91
CA VAL B 255 -0.99 -10.48 13.51
C VAL B 255 -0.05 -9.29 13.22
N TRP B 256 0.09 -8.38 14.19
CA TRP B 256 1.10 -7.32 14.12
C TRP B 256 2.46 -7.94 13.82
N PHE B 257 2.88 -8.80 14.74
CA PHE B 257 4.14 -9.51 14.64
C PHE B 257 4.23 -10.33 13.33
N TRP B 258 3.12 -10.92 12.90
CA TRP B 258 3.06 -11.60 11.60
C TRP B 258 3.38 -10.65 10.46
N ILE B 259 2.74 -9.49 10.45
CA ILE B 259 2.99 -8.47 9.42
C ILE B 259 4.42 -8.02 9.41
N LEU B 260 4.92 -7.67 10.60
CA LEU B 260 6.30 -7.25 10.78
C LEU B 260 7.30 -8.18 10.10
N VAL B 261 7.13 -9.49 10.30
CA VAL B 261 8.05 -10.50 9.77
C VAL B 261 7.61 -10.94 8.37
N GLY B 262 6.31 -11.15 8.21
CA GLY B 262 5.71 -11.49 6.91
C GLY B 262 6.08 -10.55 5.79
N LEU B 263 6.01 -9.26 6.07
CA LEU B 263 6.47 -8.25 5.13
C LEU B 263 7.92 -8.50 4.74
N ALA B 264 8.77 -8.73 5.74
CA ALA B 264 10.19 -8.95 5.51
C ALA B 264 10.41 -10.17 4.61
N TYR B 265 9.73 -11.26 4.94
CA TYR B 265 9.86 -12.49 4.16
C TYR B 265 9.43 -12.26 2.69
N PHE B 266 8.28 -11.63 2.49
CA PHE B 266 7.78 -11.32 1.13
C PHE B 266 8.70 -10.38 0.35
N ALA B 267 9.30 -9.42 1.06
CA ALA B 267 10.27 -8.51 0.45
C ALA B 267 11.41 -9.29 -0.19
N ALA B 268 11.81 -10.38 0.45
CA ALA B 268 12.80 -11.29 -0.12
C ALA B 268 12.21 -12.06 -1.29
N VAL B 269 11.04 -12.66 -1.07
CA VAL B 269 10.35 -13.42 -2.10
C VAL B 269 10.22 -12.60 -3.37
N LEU B 270 9.60 -11.42 -3.25
CA LEU B 270 9.40 -10.54 -4.38
C LEU B 270 10.71 -10.12 -5.02
N SER B 271 11.76 -9.98 -4.21
CA SER B 271 13.10 -9.74 -4.74
C SER B 271 13.64 -10.95 -5.51
N MET B 272 13.42 -12.14 -4.95
CA MET B 272 13.82 -13.39 -5.60
C MET B 272 13.17 -13.48 -6.97
N ILE B 273 11.86 -13.35 -6.99
CA ILE B 273 11.12 -13.36 -8.26
C ILE B 273 11.67 -12.29 -9.19
N GLY B 274 12.00 -11.12 -8.64
CA GLY B 274 12.68 -10.05 -9.34
C GLY B 274 13.94 -10.52 -10.04
N ASP B 275 14.83 -11.15 -9.28
CA ASP B 275 16.04 -11.70 -9.86
C ASP B 275 15.78 -12.86 -10.82
N TRP B 276 14.69 -13.63 -10.61
CA TRP B 276 14.29 -14.68 -11.59
C TRP B 276 13.96 -14.03 -12.92
N LEU B 277 13.19 -12.95 -12.87
CA LEU B 277 12.82 -12.20 -14.06
C LEU B 277 14.01 -11.46 -14.72
N ARG B 278 15.13 -11.29 -14.00
CA ARG B 278 16.40 -10.87 -14.62
C ARG B 278 16.88 -11.95 -15.57
N VAL B 279 16.93 -13.17 -15.06
CA VAL B 279 17.53 -14.29 -15.78
C VAL B 279 16.68 -14.64 -17.00
N ILE B 280 15.38 -14.83 -16.76
CA ILE B 280 14.41 -15.19 -17.81
C ILE B 280 14.41 -14.18 -18.94
N ALA B 281 14.67 -12.91 -18.64
CA ALA B 281 14.91 -11.91 -19.68
C ALA B 281 16.21 -12.21 -20.43
N LYS B 282 17.32 -12.29 -19.71
CA LYS B 282 18.61 -12.64 -20.32
C LYS B 282 18.55 -13.94 -21.16
N LYS B 283 17.75 -14.91 -20.72
CA LYS B 283 17.56 -16.15 -21.47
C LYS B 283 16.72 -15.94 -22.74
N THR B 284 15.62 -15.21 -22.66
CA THR B 284 14.80 -14.91 -23.86
C THR B 284 15.48 -13.91 -24.78
N LYS B 285 16.35 -13.07 -24.22
CA LYS B 285 17.21 -12.19 -24.99
C LYS B 285 18.16 -13.01 -25.85
N GLU B 286 18.86 -13.96 -25.21
CA GLU B 286 19.73 -14.90 -25.92
C GLU B 286 18.96 -15.91 -26.80
N ALA B 287 17.77 -16.30 -26.39
CA ALA B 287 16.92 -17.22 -27.18
C ALA B 287 16.37 -16.57 -28.44
N VAL B 288 16.13 -15.26 -28.42
CA VAL B 288 15.83 -14.52 -29.66
C VAL B 288 17.09 -14.41 -30.54
N GLY B 289 18.24 -14.26 -29.89
CA GLY B 289 19.53 -14.28 -30.57
C GLY B 289 19.74 -15.52 -31.44
N GLU B 290 19.59 -16.70 -30.86
CA GLU B 290 19.70 -17.97 -31.62
C GLU B 290 18.55 -18.13 -32.64
N PHE B 291 17.34 -17.67 -32.31
CA PHE B 291 16.20 -17.73 -33.26
C PHE B 291 16.42 -16.86 -34.50
N ARG B 292 16.95 -15.65 -34.30
CA ARG B 292 17.37 -14.83 -35.44
C ARG B 292 18.56 -15.45 -36.20
N ALA B 293 19.49 -16.06 -35.46
CA ALA B 293 20.73 -16.64 -36.04
C ALA B 293 20.54 -17.80 -37.02
N HIS B 294 19.72 -18.80 -36.66
CA HIS B 294 19.41 -19.90 -37.58
C HIS B 294 18.48 -19.45 -38.74
N ALA B 295 17.34 -18.86 -38.39
CA ALA B 295 16.38 -18.24 -39.36
C ALA B 295 16.12 -18.99 -40.70
N ALA B 296 15.40 -20.11 -40.62
CA ALA B 296 14.96 -20.90 -41.80
C ALA B 296 16.10 -21.34 -42.74
N GLU B 297 17.24 -21.71 -42.14
CA GLU B 297 18.49 -22.07 -42.85
C GLU B 297 19.27 -20.85 -43.35
K K C . -7.05 0.26 0.14
K K D . -1.36 -0.20 -0.57
C10 Q6F E . -9.78 5.01 -13.25
C13 Q6F E . -8.32 5.32 -13.73
C15 Q6F E . -10.82 4.89 -14.17
C17 Q6F E . -12.12 4.61 -13.71
C20 Q6F E . -14.67 3.26 -9.51
C21 Q6F E . -3.88 4.73 -10.52
C22 Q6F E . -3.47 3.57 -12.58
C09 Q6F E . -6.04 6.29 -13.22
C11 Q6F E . -12.35 4.46 -12.36
C12 Q6F E . -5.06 5.39 -12.51
C14 Q6F E . -10.02 4.84 -11.88
C16 Q6F E . -11.30 4.56 -11.45
C18 Q6F E . -4.79 5.57 -11.15
C19 Q6F E . -4.40 4.40 -13.21
C23 Q6F E . -3.21 3.74 -11.23
N07 Q6F E . -7.40 5.98 -12.81
N08 Q6F E . -13.76 4.17 -12.10
O04 Q6F E . -7.99 5.03 -14.84
O05 Q6F E . -14.95 1.94 -11.92
O06 Q6F E . -12.88 1.99 -11.08
S03 Q6F E . -14.07 2.82 -11.17
CL1 Q6F E . -5.64 6.84 -10.25
CL2 Q6F E . -2.03 2.70 -10.45
K K F . -4.23 -0.07 -0.16
K K G . 2.48 -0.48 -1.03
CD CD H . -18.60 3.02 -8.62
C1 D10 I . 17.98 5.34 18.14
C2 D10 I . 17.44 6.25 17.03
C3 D10 I . 16.62 7.45 17.53
C4 D10 I . 15.74 7.97 16.37
C5 D10 I . 14.93 9.24 16.64
C6 D10 I . 14.04 9.59 15.43
C7 D10 I . 13.69 11.09 15.42
C8 D10 I . 12.30 11.43 14.84
C9 D10 I . 11.86 12.82 15.34
C10 D10 I . 10.81 13.49 14.46
C1 OCT J . 17.50 7.53 21.61
C2 OCT J . 16.02 7.54 22.01
C3 OCT J . 15.26 8.63 21.21
C4 OCT J . 13.76 8.40 21.24
C5 OCT J . 13.02 9.65 20.71
C6 OCT J . 11.79 9.32 19.82
C7 OCT J . 11.02 10.58 19.43
C8 OCT J . 9.74 10.28 18.68
C27 R16 K . -5.46 -22.28 -3.91
C28 R16 K . -4.20 -21.42 -3.90
C29 R16 K . -3.92 -20.86 -5.31
C30 R16 K . -2.43 -20.50 -5.49
C31 R16 K . -1.84 -21.31 -6.67
C32 R16 K . -0.34 -21.06 -6.77
C33 R16 K . -0.02 -19.94 -7.75
C34 R16 K . 1.42 -19.42 -7.64
C35 R16 K . 2.11 -19.27 -9.03
C36 R16 K . 3.49 -18.59 -8.91
C37 R16 K . 3.86 -17.78 -10.17
C38 R16 K . 4.40 -18.68 -11.29
C39 R16 K . 3.45 -18.79 -12.52
C40 R16 K . 4.08 -19.65 -13.61
C41 R16 K . 3.59 -19.32 -15.02
C42 R16 K . 4.68 -19.68 -16.04
K K L . 7.65 0.77 -1.65
CD CD M . -17.72 -2.30 13.36
CD CD N . 23.30 -19.66 -33.29
C10 Q6F O . -6.92 -4.49 13.77
C13 Q6F O . -5.44 -4.99 13.74
C15 Q6F O . -7.63 -4.42 12.59
C17 Q6F O . -8.97 -3.97 12.60
C20 Q6F O . -12.44 -2.03 11.37
C21 Q6F O . -2.48 -4.41 9.96
C22 Q6F O . -1.18 -4.05 11.94
C09 Q6F O . -3.79 -6.67 12.75
C11 Q6F O . -9.56 -3.60 13.80
C12 Q6F O . -2.96 -5.66 11.98
C14 Q6F O . -7.51 -4.12 14.97
C16 Q6F O . -8.83 -3.68 14.99
C18 Q6F O . -3.24 -5.35 10.63
C19 Q6F O . -1.94 -4.99 12.61
C23 Q6F O . -1.44 -3.75 10.62
N07 Q6F O . -5.14 -6.12 12.88
N08 Q6F O . -10.96 -3.20 13.55
O04 Q6F O . -4.60 -4.45 14.39
O05 Q6F O . -12.07 -0.90 13.77
O06 Q6F O . -10.17 -1.01 12.53
S03 Q6F O . -11.38 -1.75 12.81
CL1 Q6F O . -4.54 -6.18 9.76
CL2 Q6F O . -0.42 -2.55 9.82
C1 D10 P . 3.15 -12.21 -20.06
C2 D10 P . 3.99 -12.03 -21.33
C3 D10 P . 4.75 -10.70 -21.26
C4 D10 P . 6.06 -10.67 -22.09
C5 D10 P . 5.89 -11.02 -23.59
C6 D10 P . 6.93 -12.10 -23.97
C7 D10 P . 7.77 -11.75 -25.22
C8 D10 P . 9.20 -11.32 -24.86
C9 D10 P . 9.68 -10.16 -25.73
C10 D10 P . 11.18 -10.27 -26.05
C1 D10 Q . 6.03 20.34 8.45
C2 D10 Q . 4.84 19.87 7.58
C3 D10 Q . 4.78 20.60 6.24
C4 D10 Q . 4.54 19.63 5.08
C5 D10 Q . 3.20 19.84 4.40
C6 D10 Q . 2.05 19.35 5.28
C7 D10 Q . 1.03 20.46 5.53
C8 D10 Q . 0.25 20.89 4.28
C9 D10 Q . -1.22 21.26 4.56
C10 D10 Q . -1.89 22.05 3.43
C1 OCT R . 3.46 16.62 18.30
C2 OCT R . 2.11 16.71 17.58
C3 OCT R . 2.00 17.88 16.60
C4 OCT R . 0.90 17.62 15.53
C5 OCT R . 0.07 18.85 15.19
C6 OCT R . -1.15 18.50 14.31
C7 OCT R . -2.05 19.72 14.05
C8 OCT R . -3.08 19.47 12.94
#